data_1P9L
#
_entry.id   1P9L
#
_cell.length_a   119.290
_cell.length_b   117.280
_cell.length_c   78.540
_cell.angle_alpha   90.00
_cell.angle_beta   90.00
_cell.angle_gamma   90.00
#
_symmetry.space_group_name_H-M   'I 21 21 21'
#
loop_
_entity.id
_entity.type
_entity.pdbx_description
1 polymer 'dihydrodipicolinate reductase'
2 non-polymer '1,4-DIHYDRONICOTINAMIDE ADENINE DINUCLEOTIDE'
3 non-polymer 'PYRIDINE-2,6-DICARBOXYLIC ACID'
4 non-polymer 'TETRAETHYLENE GLYCOL'
5 water water
#
_entity_poly.entity_id   1
_entity_poly.type   'polypeptide(L)'
_entity_poly.pdbx_seq_one_letter_code
;MRVGVLGAKGKVGTTMVRAVAAADDLTLSAELDAGDPLSLLTDGNTEVVIDFTHPDVVMGNLEFLIDNGIHAVVGTTGFT
AERFQQVESWLVAKPNTSVLIAPNFAIGAVLSMHFAKQAARFFDSAEVIELHHPHKADAPSGTAARTAKLIAEARKGLPP
NPDATSTSLPGARGADVDGIPVHAVRLAGLVAHQEVLFGTEGETLTIRHDSLDRTSFVPGVLLAVRRIAERPGLTVGLEP
LLDLH
;
_entity_poly.pdbx_strand_id   A,B
#
loop_
_chem_comp.id
_chem_comp.type
_chem_comp.name
_chem_comp.formula
NAI non-polymer '1,4-DIHYDRONICOTINAMIDE ADENINE DINUCLEOTIDE' 'C21 H29 N7 O14 P2'
PDC non-polymer 'PYRIDINE-2,6-DICARBOXYLIC ACID' 'C7 H5 N O4'
PG4 non-polymer 'TETRAETHYLENE GLYCOL' 'C8 H18 O5'
#
# COMPACT_ATOMS: atom_id res chain seq x y z
N MET A 1 1.43 5.21 -35.82
CA MET A 1 1.88 6.41 -35.08
C MET A 1 3.39 6.51 -35.15
N ARG A 2 3.86 7.69 -35.54
CA ARG A 2 5.29 7.96 -35.66
C ARG A 2 5.87 8.51 -34.36
N VAL A 3 6.68 7.68 -33.72
CA VAL A 3 7.31 7.95 -32.43
C VAL A 3 8.82 8.18 -32.52
N GLY A 4 9.27 9.26 -31.91
CA GLY A 4 10.70 9.52 -31.84
C GLY A 4 11.19 9.50 -30.40
N VAL A 5 12.46 9.16 -30.22
CA VAL A 5 13.05 9.09 -28.89
C VAL A 5 14.22 10.06 -28.67
N LEU A 6 14.10 10.90 -27.64
CA LEU A 6 15.20 11.78 -27.25
C LEU A 6 15.92 11.07 -26.12
N GLY A 7 17.24 10.94 -26.26
CA GLY A 7 18.06 10.26 -25.26
C GLY A 7 18.16 8.80 -25.67
N ALA A 8 18.15 8.57 -26.98
CA ALA A 8 18.18 7.22 -27.54
C ALA A 8 19.34 6.33 -27.13
N LYS A 9 20.46 6.91 -26.72
CA LYS A 9 21.59 6.08 -26.31
C LYS A 9 21.68 5.91 -24.80
N GLY A 10 20.76 6.55 -24.08
CA GLY A 10 20.76 6.48 -22.63
C GLY A 10 20.36 5.15 -22.04
N LYS A 11 20.65 4.95 -20.75
CA LYS A 11 20.29 3.69 -20.09
C LYS A 11 18.82 3.40 -20.33
N VAL A 12 17.96 4.37 -20.04
CA VAL A 12 16.54 4.18 -20.26
C VAL A 12 16.15 4.37 -21.73
N GLY A 13 16.66 5.45 -22.34
CA GLY A 13 16.35 5.73 -23.74
C GLY A 13 16.55 4.59 -24.72
N THR A 14 17.63 3.84 -24.60
CA THR A 14 17.84 2.74 -25.51
C THR A 14 16.78 1.67 -25.33
N THR A 15 16.34 1.49 -24.09
CA THR A 15 15.29 0.52 -23.82
C THR A 15 13.98 0.92 -24.53
N MET A 16 13.67 2.20 -24.50
CA MET A 16 12.46 2.71 -25.16
C MET A 16 12.55 2.51 -26.67
N VAL A 17 13.74 2.70 -27.23
CA VAL A 17 13.95 2.51 -28.67
C VAL A 17 13.61 1.08 -29.09
N ARG A 18 14.11 0.09 -28.35
CA ARG A 18 13.77 -1.29 -28.62
C ARG A 18 12.28 -1.52 -28.49
N ALA A 19 11.68 -0.93 -27.46
CA ALA A 19 10.26 -1.07 -27.21
C ALA A 19 9.43 -0.53 -28.37
N VAL A 20 9.75 0.67 -28.80
CA VAL A 20 9.03 1.28 -29.92
C VAL A 20 9.24 0.43 -31.17
N ALA A 21 10.50 0.14 -31.46
CA ALA A 21 10.86 -0.67 -32.60
C ALA A 21 10.04 -1.95 -32.65
N ALA A 22 9.90 -2.61 -31.50
CA ALA A 22 9.14 -3.83 -31.44
C ALA A 22 7.61 -3.67 -31.43
N ALA A 23 7.09 -2.47 -31.16
CA ALA A 23 5.64 -2.30 -31.15
C ALA A 23 5.08 -2.37 -32.56
N ASP A 24 4.15 -3.27 -32.76
CA ASP A 24 3.48 -3.44 -34.04
C ASP A 24 2.69 -2.21 -34.51
N ASP A 25 2.22 -1.39 -33.58
CA ASP A 25 1.41 -0.21 -33.92
C ASP A 25 2.18 1.11 -33.89
N LEU A 26 3.48 1.02 -33.68
CA LEU A 26 4.30 2.23 -33.68
C LEU A 26 5.46 2.13 -34.66
N THR A 27 5.75 3.26 -35.29
CA THR A 27 6.88 3.37 -36.19
C THR A 27 7.95 4.18 -35.48
N LEU A 28 9.13 3.60 -35.30
CA LEU A 28 10.23 4.37 -34.76
C LEU A 28 10.68 5.30 -35.89
N SER A 29 10.47 6.61 -35.73
CA SER A 29 10.79 7.56 -36.78
C SER A 29 11.93 8.50 -36.45
N ALA A 30 12.51 8.38 -35.25
CA ALA A 30 13.61 9.26 -34.87
C ALA A 30 14.35 8.71 -33.66
N GLU A 31 15.67 8.87 -33.67
CA GLU A 31 16.55 8.39 -32.61
C GLU A 31 17.60 9.48 -32.37
N LEU A 32 17.32 10.38 -31.45
CA LEU A 32 18.24 11.46 -31.16
C LEU A 32 18.94 11.27 -29.82
N ASP A 33 20.22 11.60 -29.79
CA ASP A 33 20.93 11.63 -28.53
C ASP A 33 21.70 12.96 -28.52
N ALA A 34 22.62 13.12 -27.59
CA ALA A 34 23.40 14.34 -27.53
C ALA A 34 24.04 14.65 -28.89
N GLY A 35 23.82 15.87 -29.39
CA GLY A 35 24.46 16.27 -30.62
C GLY A 35 23.75 15.91 -31.92
N ASP A 36 22.51 15.45 -31.82
CA ASP A 36 21.74 15.15 -33.01
C ASP A 36 20.80 16.32 -33.22
N PRO A 37 20.62 16.77 -34.48
CA PRO A 37 19.73 17.89 -34.71
C PRO A 37 18.26 17.54 -34.44
N LEU A 38 17.55 18.45 -33.80
CA LEU A 38 16.13 18.25 -33.53
C LEU A 38 15.28 18.13 -34.80
N SER A 39 15.75 18.69 -35.90
CA SER A 39 14.97 18.59 -37.12
C SER A 39 14.87 17.19 -37.63
N LEU A 40 15.70 16.29 -37.10
CA LEU A 40 15.58 14.90 -37.45
C LEU A 40 14.13 14.52 -37.11
N LEU A 41 13.61 15.14 -36.06
CA LEU A 41 12.26 14.88 -35.62
C LEU A 41 11.28 15.31 -36.69
N THR A 42 11.22 16.61 -36.92
CA THR A 42 10.38 17.19 -37.97
C THR A 42 10.65 16.58 -39.36
N ASP A 43 11.89 16.18 -39.56
CA ASP A 43 12.28 15.55 -40.81
C ASP A 43 11.63 14.19 -41.06
N GLY A 44 11.47 13.39 -40.02
CA GLY A 44 10.85 12.08 -40.17
C GLY A 44 9.36 12.12 -39.92
N ASN A 45 8.83 13.34 -39.78
CA ASN A 45 7.40 13.56 -39.56
C ASN A 45 6.91 12.88 -38.28
N THR A 46 7.72 12.99 -37.25
CA THR A 46 7.42 12.42 -35.95
C THR A 46 6.17 13.04 -35.37
N GLU A 47 5.30 12.20 -34.79
CA GLU A 47 4.06 12.69 -34.18
C GLU A 47 4.13 12.82 -32.67
N VAL A 48 4.82 11.88 -32.05
CA VAL A 48 4.99 11.89 -30.61
C VAL A 48 6.45 11.58 -30.25
N VAL A 49 6.94 12.24 -29.20
CA VAL A 49 8.30 11.99 -28.76
C VAL A 49 8.36 11.47 -27.32
N ILE A 50 9.24 10.50 -27.07
CA ILE A 50 9.52 10.00 -25.72
C ILE A 50 10.83 10.68 -25.30
N ASP A 51 10.83 11.39 -24.19
CA ASP A 51 12.04 12.08 -23.75
C ASP A 51 12.54 11.52 -22.43
N PHE A 52 13.76 10.95 -22.47
CA PHE A 52 14.47 10.45 -21.28
C PHE A 52 15.91 10.94 -21.41
N THR A 53 16.10 12.23 -21.17
CA THR A 53 17.39 12.84 -21.37
C THR A 53 18.01 13.43 -20.11
N HIS A 54 17.90 14.75 -19.96
CA HIS A 54 18.53 15.43 -18.84
C HIS A 54 17.87 16.74 -18.47
N PRO A 55 17.78 17.05 -17.17
CA PRO A 55 17.17 18.29 -16.66
C PRO A 55 17.69 19.56 -17.30
N ASP A 56 18.94 19.51 -17.76
CA ASP A 56 19.57 20.64 -18.41
C ASP A 56 19.14 20.86 -19.86
N VAL A 57 18.53 19.85 -20.48
CA VAL A 57 18.11 20.01 -21.87
C VAL A 57 16.63 19.83 -22.16
N VAL A 58 15.91 19.23 -21.22
CA VAL A 58 14.50 18.95 -21.45
C VAL A 58 13.66 20.16 -21.82
N MET A 59 13.84 21.28 -21.12
CA MET A 59 13.08 22.47 -21.49
C MET A 59 13.43 22.92 -22.90
N GLY A 60 14.68 22.74 -23.30
CA GLY A 60 15.03 23.10 -24.66
C GLY A 60 14.26 22.25 -25.67
N ASN A 61 14.27 20.94 -25.45
CA ASN A 61 13.54 20.02 -26.32
C ASN A 61 12.03 20.25 -26.27
N LEU A 62 11.53 20.57 -25.09
CA LEU A 62 10.10 20.83 -24.95
C LEU A 62 9.63 22.01 -25.77
N GLU A 63 10.37 23.11 -25.77
CA GLU A 63 9.97 24.27 -26.56
C GLU A 63 9.87 23.91 -28.04
N PHE A 64 10.90 23.26 -28.56
CA PHE A 64 10.89 22.85 -29.95
C PHE A 64 9.66 22.00 -30.25
N LEU A 65 9.52 20.90 -29.52
CA LEU A 65 8.39 20.00 -29.70
C LEU A 65 7.04 20.70 -29.71
N ILE A 66 6.74 21.44 -28.66
CA ILE A 66 5.47 22.16 -28.61
C ILE A 66 5.35 23.11 -29.79
N ASP A 67 6.43 23.83 -30.06
CA ASP A 67 6.50 24.72 -31.20
C ASP A 67 6.06 24.07 -32.49
N ASN A 68 6.48 22.83 -32.71
CA ASN A 68 6.12 22.12 -33.93
C ASN A 68 4.96 21.18 -33.78
N GLY A 69 4.22 21.33 -32.69
CA GLY A 69 3.03 20.52 -32.48
C GLY A 69 3.27 19.04 -32.21
N ILE A 70 4.51 18.67 -31.94
CA ILE A 70 4.83 17.27 -31.60
C ILE A 70 4.43 16.98 -30.16
N HIS A 71 3.72 15.88 -29.90
CA HIS A 71 3.36 15.55 -28.53
C HIS A 71 4.56 14.98 -27.80
N ALA A 72 4.60 15.20 -26.49
CA ALA A 72 5.70 14.73 -25.68
C ALA A 72 5.32 13.90 -24.46
N VAL A 73 5.97 12.75 -24.33
CA VAL A 73 5.84 11.91 -23.14
C VAL A 73 7.21 12.02 -22.49
N VAL A 74 7.25 12.74 -21.37
CA VAL A 74 8.51 13.04 -20.70
C VAL A 74 8.75 12.32 -19.35
N GLY A 75 9.85 11.57 -19.30
CA GLY A 75 10.21 10.87 -18.08
C GLY A 75 11.37 11.56 -17.39
N THR A 76 12.15 12.35 -18.15
CA THR A 76 13.26 13.13 -17.59
C THR A 76 12.83 13.86 -16.32
N THR A 77 13.69 13.85 -15.31
CA THR A 77 13.36 14.49 -14.05
C THR A 77 13.77 15.95 -13.91
N GLY A 78 13.53 16.49 -12.72
CA GLY A 78 13.90 17.85 -12.38
C GLY A 78 12.90 18.92 -12.73
N PHE A 79 11.66 18.55 -12.99
CA PHE A 79 10.66 19.57 -13.33
C PHE A 79 10.23 20.29 -12.07
N THR A 80 9.98 21.60 -12.18
CA THR A 80 9.50 22.38 -11.05
C THR A 80 8.27 23.18 -11.44
N ALA A 81 7.66 23.79 -10.43
CA ALA A 81 6.50 24.64 -10.63
C ALA A 81 6.71 25.63 -11.76
N GLU A 82 7.80 26.38 -11.69
CA GLU A 82 8.10 27.35 -12.73
C GLU A 82 8.22 26.64 -14.07
N ARG A 83 8.90 25.50 -14.06
CA ARG A 83 9.05 24.70 -15.27
C ARG A 83 7.69 24.27 -15.80
N PHE A 84 6.89 23.68 -14.91
CA PHE A 84 5.54 23.31 -15.27
C PHE A 84 4.79 24.51 -15.83
N GLN A 85 4.91 25.62 -15.10
CA GLN A 85 4.30 26.88 -15.52
C GLN A 85 4.80 27.22 -16.91
N GLN A 86 6.12 27.26 -17.06
CA GLN A 86 6.72 27.52 -18.36
C GLN A 86 6.03 26.62 -19.38
N VAL A 87 6.07 25.31 -19.14
CA VAL A 87 5.40 24.36 -20.04
C VAL A 87 3.95 24.80 -20.21
N GLU A 88 3.28 24.92 -19.06
CA GLU A 88 1.90 25.36 -19.00
C GLU A 88 1.74 26.61 -19.85
N SER A 89 2.66 27.54 -19.71
CA SER A 89 2.65 28.73 -20.56
C SER A 89 2.71 28.22 -21.98
N TRP A 90 3.93 27.97 -22.46
CA TRP A 90 4.15 27.46 -23.81
C TRP A 90 2.95 26.74 -24.45
N LEU A 91 2.40 25.75 -23.75
CA LEU A 91 1.29 24.98 -24.29
C LEU A 91 -0.01 25.78 -24.55
N VAL A 92 -0.18 26.89 -23.83
CA VAL A 92 -1.34 27.76 -24.01
C VAL A 92 -1.48 28.28 -25.45
N ALA A 93 -0.37 28.68 -26.05
CA ALA A 93 -0.40 29.17 -27.40
C ALA A 93 -0.40 28.02 -28.39
N LYS A 94 -0.25 26.80 -27.86
CA LYS A 94 -0.21 25.60 -28.70
C LYS A 94 -1.30 24.59 -28.34
N PRO A 95 -2.57 24.94 -28.61
CA PRO A 95 -3.59 23.94 -28.25
C PRO A 95 -3.50 22.73 -29.17
N ASN A 96 -4.12 21.63 -28.75
CA ASN A 96 -4.10 20.40 -29.54
C ASN A 96 -2.74 19.71 -29.47
N THR A 97 -1.85 20.26 -28.65
CA THR A 97 -0.57 19.60 -28.43
C THR A 97 -0.63 19.11 -27.01
N SER A 98 -0.31 17.84 -26.81
CA SER A 98 -0.32 17.27 -25.47
C SER A 98 1.08 16.96 -24.95
N VAL A 99 1.30 17.25 -23.68
CA VAL A 99 2.55 16.93 -23.02
C VAL A 99 2.26 16.19 -21.72
N LEU A 100 2.88 15.02 -21.57
CA LEU A 100 2.68 14.21 -20.36
C LEU A 100 4.00 14.07 -19.67
N ILE A 101 4.07 14.53 -18.44
CA ILE A 101 5.28 14.44 -17.64
C ILE A 101 4.99 13.59 -16.40
N ALA A 102 5.71 12.49 -16.25
CA ALA A 102 5.52 11.58 -15.13
C ALA A 102 6.82 11.37 -14.35
N PRO A 103 6.77 11.54 -13.01
CA PRO A 103 7.98 11.33 -12.22
C PRO A 103 8.44 9.88 -12.22
N ASN A 104 7.55 8.99 -12.61
CA ASN A 104 7.88 7.59 -12.63
C ASN A 104 6.82 6.89 -13.48
N PHE A 105 7.25 6.00 -14.37
CA PHE A 105 6.34 5.30 -15.28
C PHE A 105 6.05 3.85 -14.89
N ALA A 106 6.73 3.36 -13.85
CA ALA A 106 6.48 2.01 -13.33
C ALA A 106 5.16 2.06 -12.59
N ILE A 107 4.31 1.07 -12.81
CA ILE A 107 3.02 1.01 -12.14
C ILE A 107 3.09 0.87 -10.63
N GLY A 108 3.98 0.02 -10.15
CA GLY A 108 4.13 -0.12 -8.72
C GLY A 108 4.48 1.20 -8.06
N ALA A 109 5.30 2.01 -8.71
CA ALA A 109 5.63 3.33 -8.15
C ALA A 109 4.41 4.23 -8.08
N VAL A 110 3.62 4.24 -9.14
CA VAL A 110 2.41 5.06 -9.17
C VAL A 110 1.43 4.59 -8.09
N LEU A 111 1.29 3.28 -7.94
CA LEU A 111 0.44 2.72 -6.92
C LEU A 111 0.98 3.06 -5.53
N SER A 112 2.28 2.97 -5.35
CA SER A 112 2.88 3.31 -4.06
C SER A 112 2.53 4.73 -3.60
N MET A 113 2.60 5.68 -4.53
CA MET A 113 2.30 7.04 -4.19
C MET A 113 0.84 7.20 -3.80
N HIS A 114 -0.01 6.44 -4.48
CA HIS A 114 -1.44 6.41 -4.21
C HIS A 114 -1.73 5.90 -2.80
N PHE A 115 -1.15 4.76 -2.47
CA PHE A 115 -1.31 4.14 -1.17
C PHE A 115 -0.77 5.02 -0.05
N ALA A 116 0.40 5.60 -0.26
CA ALA A 116 0.99 6.47 0.76
C ALA A 116 0.04 7.62 1.13
N LYS A 117 -0.63 8.16 0.11
CA LYS A 117 -1.60 9.22 0.28
C LYS A 117 -2.69 8.74 1.22
N GLN A 118 -3.16 7.52 0.99
CA GLN A 118 -4.21 6.93 1.82
C GLN A 118 -3.82 6.57 3.26
N ALA A 119 -2.59 6.13 3.47
CA ALA A 119 -2.15 5.72 4.79
C ALA A 119 -1.61 6.82 5.68
N ALA A 120 -1.12 7.89 5.08
CA ALA A 120 -0.48 8.99 5.82
C ALA A 120 -1.16 9.44 7.11
N ARG A 121 -2.45 9.70 7.05
CA ARG A 121 -3.19 10.18 8.23
C ARG A 121 -3.40 9.19 9.35
N PHE A 122 -3.18 7.90 9.11
CA PHE A 122 -3.34 6.89 10.16
C PHE A 122 -2.12 6.65 11.02
N PHE A 123 -0.98 7.29 10.73
CA PHE A 123 0.21 7.00 11.50
C PHE A 123 0.86 8.19 12.13
N ASP A 124 1.69 7.96 13.14
CA ASP A 124 2.41 9.04 13.80
C ASP A 124 3.67 9.42 13.04
N SER A 125 4.29 8.42 12.39
CA SER A 125 5.55 8.62 11.67
C SER A 125 5.52 8.17 10.22
N ALA A 126 6.26 8.91 9.40
CA ALA A 126 6.42 8.58 7.98
C ALA A 126 7.82 9.03 7.57
N GLU A 127 8.60 8.12 6.98
CA GLU A 127 9.90 8.47 6.41
C GLU A 127 10.00 7.83 5.03
N VAL A 128 10.87 8.33 4.17
CA VAL A 128 11.04 7.70 2.87
C VAL A 128 12.48 7.29 2.60
N ILE A 129 12.69 6.01 2.30
CA ILE A 129 14.01 5.51 1.93
C ILE A 129 13.91 5.19 0.45
N GLU A 130 14.84 5.76 -0.30
CA GLU A 130 14.91 5.61 -1.73
C GLU A 130 16.29 4.97 -2.02
N LEU A 131 16.33 4.01 -2.94
CA LEU A 131 17.57 3.29 -3.31
C LEU A 131 17.79 3.18 -4.85
N HIS A 132 18.90 3.72 -5.35
CA HIS A 132 19.15 3.71 -6.77
C HIS A 132 20.59 3.36 -7.16
N HIS A 133 20.78 3.01 -8.44
CA HIS A 133 22.10 2.77 -9.03
C HIS A 133 23.03 3.97 -8.81
N PRO A 134 24.34 3.71 -8.75
CA PRO A 134 25.31 4.78 -8.54
C PRO A 134 25.59 5.74 -9.69
N HIS A 135 24.78 5.70 -10.74
CA HIS A 135 24.96 6.66 -11.81
C HIS A 135 23.95 7.79 -11.77
N LYS A 136 23.02 7.71 -10.85
CA LYS A 136 21.99 8.75 -10.71
C LYS A 136 22.62 10.02 -10.16
N ALA A 137 22.42 11.12 -10.90
CA ALA A 137 22.94 12.43 -10.56
C ALA A 137 22.23 13.16 -9.43
N ASP A 138 20.92 12.93 -9.30
CA ASP A 138 20.15 13.65 -8.30
C ASP A 138 19.69 12.81 -7.09
N ALA A 139 19.78 13.42 -5.91
CA ALA A 139 19.32 12.81 -4.67
C ALA A 139 18.64 13.88 -3.85
N PRO A 140 17.44 13.60 -3.33
CA PRO A 140 16.73 12.33 -3.50
C PRO A 140 16.11 12.28 -4.89
N SER A 141 15.57 11.11 -5.26
CA SER A 141 14.92 10.96 -6.55
C SER A 141 13.69 11.85 -6.61
N GLY A 142 13.18 12.11 -7.82
CA GLY A 142 11.99 12.92 -7.94
C GLY A 142 10.77 12.20 -7.39
N THR A 143 10.72 10.89 -7.65
CA THR A 143 9.68 10.04 -7.11
C THR A 143 9.61 10.15 -5.58
N ALA A 144 10.77 10.02 -4.93
CA ALA A 144 10.84 10.10 -3.47
C ALA A 144 10.35 11.45 -2.97
N ALA A 145 10.83 12.53 -3.59
CA ALA A 145 10.45 13.87 -3.16
C ALA A 145 8.96 14.10 -3.33
N ARG A 146 8.43 13.64 -4.45
CA ARG A 146 7.01 13.79 -4.74
C ARG A 146 6.20 12.97 -3.75
N THR A 147 6.72 11.80 -3.39
CA THR A 147 6.05 10.99 -2.40
C THR A 147 6.08 11.67 -1.04
N ALA A 148 7.16 12.35 -0.69
CA ALA A 148 7.18 13.06 0.59
C ALA A 148 6.19 14.22 0.55
N LYS A 149 6.12 14.92 -0.58
CA LYS A 149 5.16 16.00 -0.73
C LYS A 149 3.73 15.55 -0.47
N LEU A 150 3.35 14.43 -1.09
CA LEU A 150 2.01 13.85 -0.92
C LEU A 150 1.69 13.45 0.49
N ILE A 151 2.65 12.84 1.18
CA ILE A 151 2.41 12.42 2.55
C ILE A 151 2.20 13.65 3.42
N ALA A 152 3.04 14.66 3.21
CA ALA A 152 2.94 15.91 3.98
C ALA A 152 1.59 16.60 3.78
N GLU A 153 1.18 16.73 2.53
CA GLU A 153 -0.11 17.34 2.21
C GLU A 153 -1.28 16.55 2.77
N ALA A 154 -1.15 15.23 2.81
CA ALA A 154 -2.22 14.41 3.38
C ALA A 154 -2.27 14.51 4.91
N ARG A 155 -1.18 14.97 5.53
CA ARG A 155 -1.16 15.06 6.99
C ARG A 155 -1.32 16.47 7.51
N LYS A 156 -1.72 17.38 6.64
CA LYS A 156 -1.96 18.76 7.02
C LYS A 156 -2.86 18.76 8.24
N GLY A 157 -2.50 19.56 9.25
CA GLY A 157 -3.33 19.64 10.43
C GLY A 157 -2.96 18.66 11.52
N LEU A 158 -2.05 17.74 11.22
CA LEU A 158 -1.57 16.79 12.23
C LEU A 158 -0.20 17.21 12.68
N PRO A 159 0.21 16.78 13.89
CA PRO A 159 1.53 17.16 14.38
C PRO A 159 2.61 16.46 13.55
N PRO A 160 3.85 16.95 13.66
CA PRO A 160 5.03 16.42 12.95
C PRO A 160 5.49 15.08 13.49
N ASN A 161 6.38 14.43 12.76
CA ASN A 161 6.97 13.17 13.20
C ASN A 161 7.59 13.41 14.57
N PRO A 162 7.35 12.51 15.53
CA PRO A 162 7.97 12.72 16.85
C PRO A 162 9.46 12.34 16.69
N ASP A 163 10.37 13.17 17.18
CA ASP A 163 11.79 12.86 17.08
C ASP A 163 12.52 13.45 18.28
N ALA A 164 13.11 12.62 19.13
CA ALA A 164 13.87 13.13 20.27
C ALA A 164 15.34 13.32 19.97
N THR A 165 15.74 13.31 18.70
CA THR A 165 17.15 13.49 18.34
C THR A 165 17.73 14.73 18.95
N SER A 166 18.80 14.58 19.73
CA SER A 166 19.47 15.72 20.36
C SER A 166 20.91 15.87 19.86
N THR A 167 21.56 14.76 19.54
CA THR A 167 22.90 14.86 18.97
C THR A 167 22.95 13.96 17.77
N SER A 168 23.56 14.46 16.71
CA SER A 168 23.66 13.67 15.52
C SER A 168 24.73 14.15 14.56
N LEU A 169 25.27 13.23 13.78
CA LEU A 169 26.19 13.57 12.71
C LEU A 169 25.38 14.23 11.61
N PRO A 170 25.97 15.23 10.95
CA PRO A 170 25.22 15.90 9.88
C PRO A 170 24.76 14.91 8.81
N GLY A 171 23.50 15.02 8.40
CA GLY A 171 22.98 14.17 7.35
C GLY A 171 22.44 12.82 7.79
N ALA A 172 22.75 12.40 9.02
CA ALA A 172 22.23 11.13 9.51
C ALA A 172 20.71 11.05 9.40
N ARG A 173 20.01 12.14 9.65
CA ARG A 173 18.56 12.10 9.62
C ARG A 173 17.94 12.36 8.25
N GLY A 174 18.78 12.38 7.21
CA GLY A 174 18.28 12.48 5.85
C GLY A 174 17.91 13.88 5.42
N ALA A 175 17.31 14.01 4.24
CA ALA A 175 16.87 15.31 3.73
C ALA A 175 15.45 15.61 4.19
N ASP A 176 15.19 16.88 4.49
CA ASP A 176 13.87 17.28 4.90
C ASP A 176 13.07 17.68 3.68
N VAL A 177 12.00 16.96 3.41
CA VAL A 177 11.13 17.31 2.31
C VAL A 177 9.76 17.58 2.87
N ASP A 178 9.46 18.86 3.14
CA ASP A 178 8.16 19.20 3.67
C ASP A 178 7.97 18.48 4.99
N GLY A 179 9.04 18.33 5.74
CA GLY A 179 8.93 17.76 7.07
C GLY A 179 8.90 16.24 7.10
N ILE A 180 9.11 15.64 5.93
CA ILE A 180 9.17 14.19 5.83
C ILE A 180 10.63 13.83 5.52
N PRO A 181 11.29 13.06 6.38
CA PRO A 181 12.68 12.70 6.11
C PRO A 181 12.78 11.78 4.89
N VAL A 182 13.73 12.08 4.01
CA VAL A 182 13.99 11.26 2.81
C VAL A 182 15.46 10.86 2.76
N HIS A 183 15.72 9.56 2.66
CA HIS A 183 17.09 9.05 2.62
C HIS A 183 17.42 8.45 1.25
N ALA A 184 18.55 8.83 0.68
CA ALA A 184 18.97 8.33 -0.63
C ALA A 184 20.14 7.39 -0.60
N VAL A 185 19.89 6.15 -1.03
CA VAL A 185 20.95 5.16 -1.10
C VAL A 185 21.43 5.01 -2.55
N ARG A 186 22.74 5.08 -2.77
CA ARG A 186 23.30 4.88 -4.10
C ARG A 186 24.24 3.70 -4.03
N LEU A 187 23.77 2.57 -4.57
CA LEU A 187 24.48 1.31 -4.50
C LEU A 187 24.59 0.56 -5.82
N ALA A 188 25.78 0.06 -6.09
CA ALA A 188 26.00 -0.78 -7.25
C ALA A 188 25.08 -1.98 -7.16
N GLY A 189 24.50 -2.35 -8.29
CA GLY A 189 23.66 -3.53 -8.35
C GLY A 189 22.19 -3.18 -8.32
N LEU A 190 21.85 -2.00 -7.84
CA LEU A 190 20.47 -1.53 -7.81
C LEU A 190 20.05 -0.87 -9.10
N VAL A 191 18.74 -0.76 -9.32
CA VAL A 191 18.22 0.00 -10.45
C VAL A 191 17.41 1.19 -9.92
N ALA A 192 16.20 0.91 -9.43
CA ALA A 192 15.34 1.96 -8.87
C ALA A 192 14.44 1.34 -7.83
N HIS A 193 14.58 1.78 -6.58
CA HIS A 193 13.79 1.23 -5.49
C HIS A 193 13.36 2.29 -4.46
N GLN A 194 12.19 2.09 -3.86
CA GLN A 194 11.69 3.00 -2.84
C GLN A 194 10.89 2.30 -1.76
N GLU A 195 11.11 2.72 -0.52
CA GLU A 195 10.36 2.21 0.61
C GLU A 195 9.68 3.37 1.34
N VAL A 196 8.38 3.25 1.61
CA VAL A 196 7.70 4.25 2.40
C VAL A 196 7.39 3.59 3.74
N LEU A 197 7.85 4.20 4.80
CA LEU A 197 7.66 3.66 6.12
C LEU A 197 6.69 4.44 6.98
N PHE A 198 5.63 3.80 7.45
CA PHE A 198 4.71 4.43 8.38
C PHE A 198 4.79 3.73 9.72
N GLY A 199 4.81 4.50 10.81
CA GLY A 199 4.85 3.88 12.11
C GLY A 199 3.92 4.54 13.11
N THR A 200 3.39 3.71 14.01
CA THR A 200 2.57 4.14 15.11
C THR A 200 2.86 3.11 16.20
N GLU A 201 2.19 3.22 17.34
CA GLU A 201 2.40 2.32 18.46
C GLU A 201 2.39 0.83 18.15
N GLY A 202 3.56 0.19 18.26
CA GLY A 202 3.68 -1.26 18.11
C GLY A 202 3.50 -1.86 16.72
N GLU A 203 3.52 -1.04 15.68
CA GLU A 203 3.36 -1.57 14.32
C GLU A 203 3.87 -0.61 13.27
N THR A 204 4.21 -1.14 12.11
CA THR A 204 4.66 -0.31 11.00
C THR A 204 4.04 -0.83 9.70
N LEU A 205 3.86 0.07 8.73
CA LEU A 205 3.39 -0.26 7.39
C LEU A 205 4.52 0.14 6.42
N THR A 206 4.91 -0.77 5.54
CA THR A 206 5.92 -0.46 4.56
C THR A 206 5.37 -0.75 3.17
N ILE A 207 5.44 0.25 2.30
CA ILE A 207 5.05 0.03 0.91
C ILE A 207 6.36 0.05 0.13
N ARG A 208 6.77 -1.08 -0.41
CA ARG A 208 8.02 -1.13 -1.15
C ARG A 208 7.87 -1.38 -2.64
N HIS A 209 8.53 -0.55 -3.44
CA HIS A 209 8.51 -0.76 -4.87
C HIS A 209 9.92 -1.03 -5.39
N ASP A 210 10.02 -2.02 -6.26
CA ASP A 210 11.31 -2.39 -6.80
C ASP A 210 11.32 -2.48 -8.30
N SER A 211 12.12 -1.63 -8.95
CA SER A 211 12.31 -1.78 -10.37
C SER A 211 13.60 -2.58 -10.48
N LEU A 212 13.47 -3.87 -10.77
CA LEU A 212 14.65 -4.69 -10.95
C LEU A 212 15.22 -4.47 -12.33
N ASP A 213 14.42 -3.88 -13.20
CA ASP A 213 14.85 -3.69 -14.56
C ASP A 213 14.21 -2.47 -15.19
N ARG A 214 14.92 -1.83 -16.12
CA ARG A 214 14.39 -0.68 -16.83
C ARG A 214 13.24 -1.00 -17.82
N THR A 215 12.99 -2.27 -18.09
CA THR A 215 11.83 -2.61 -18.89
C THR A 215 10.57 -2.26 -18.11
N SER A 216 10.68 -2.18 -16.78
CA SER A 216 9.53 -1.89 -15.94
C SER A 216 8.88 -0.57 -16.33
N PHE A 217 9.64 0.33 -16.95
CA PHE A 217 9.11 1.64 -17.37
C PHE A 217 8.42 1.69 -18.73
N VAL A 218 8.54 0.62 -19.51
CA VAL A 218 7.97 0.63 -20.85
C VAL A 218 6.44 0.62 -20.98
N PRO A 219 5.75 -0.28 -20.25
CA PRO A 219 4.28 -0.32 -20.35
C PRO A 219 3.67 1.02 -20.04
N GLY A 220 4.13 1.61 -18.94
CA GLY A 220 3.64 2.91 -18.58
C GLY A 220 3.88 3.93 -19.68
N VAL A 221 5.09 3.98 -20.21
CA VAL A 221 5.41 4.92 -21.28
C VAL A 221 4.58 4.73 -22.55
N LEU A 222 4.54 3.49 -23.03
CA LEU A 222 3.78 3.17 -24.24
C LEU A 222 2.29 3.42 -24.04
N LEU A 223 1.80 3.20 -22.84
CA LEU A 223 0.40 3.48 -22.57
C LEU A 223 0.16 4.98 -22.81
N ALA A 224 1.06 5.80 -22.28
CA ALA A 224 1.00 7.25 -22.43
C ALA A 224 1.20 7.67 -23.87
N VAL A 225 2.17 7.04 -24.54
CA VAL A 225 2.42 7.35 -25.95
C VAL A 225 1.17 7.16 -26.81
N ARG A 226 0.47 6.06 -26.58
CA ARG A 226 -0.76 5.76 -27.32
C ARG A 226 -1.96 6.65 -27.05
N ARG A 227 -2.20 7.02 -25.79
CA ARG A 227 -3.37 7.85 -25.48
C ARG A 227 -3.04 9.31 -25.28
N ILE A 228 -1.81 9.68 -25.63
CA ILE A 228 -1.33 11.04 -25.51
C ILE A 228 -2.31 12.14 -25.94
N ALA A 229 -2.86 12.01 -27.14
CA ALA A 229 -3.79 13.00 -27.66
C ALA A 229 -5.18 13.00 -27.03
N GLU A 230 -5.40 12.14 -26.05
CA GLU A 230 -6.71 12.12 -25.39
C GLU A 230 -6.88 13.35 -24.53
N ARG A 231 -5.83 13.68 -23.80
CA ARG A 231 -5.85 14.85 -22.93
C ARG A 231 -4.87 15.88 -23.46
N PRO A 232 -5.38 16.86 -24.22
CA PRO A 232 -4.47 17.88 -24.76
C PRO A 232 -4.09 18.81 -23.63
N GLY A 233 -2.85 19.28 -23.63
CA GLY A 233 -2.44 20.18 -22.57
C GLY A 233 -1.32 19.55 -21.78
N LEU A 234 -1.31 19.77 -20.48
CA LEU A 234 -0.29 19.16 -19.67
C LEU A 234 -0.87 18.24 -18.62
N THR A 235 -0.42 17.00 -18.67
CA THR A 235 -0.79 16.00 -17.70
C THR A 235 0.48 15.66 -16.91
N VAL A 236 0.31 15.49 -15.61
CA VAL A 236 1.42 15.08 -14.73
C VAL A 236 1.03 13.78 -14.06
N GLY A 237 1.89 12.78 -14.15
CA GLY A 237 1.58 11.54 -13.49
C GLY A 237 0.81 10.62 -14.40
N LEU A 238 0.91 9.32 -14.13
CA LEU A 238 0.22 8.29 -14.91
C LEU A 238 -1.21 7.99 -14.42
N GLU A 239 -1.48 8.32 -13.16
CA GLU A 239 -2.77 8.10 -12.52
C GLU A 239 -3.97 8.39 -13.40
N PRO A 240 -4.00 9.54 -14.09
CA PRO A 240 -5.16 9.78 -14.95
C PRO A 240 -5.44 8.66 -15.98
N LEU A 241 -4.39 8.00 -16.49
CA LEU A 241 -4.63 6.92 -17.45
C LEU A 241 -4.92 5.57 -16.80
N LEU A 242 -4.74 5.49 -15.48
CA LEU A 242 -4.97 4.24 -14.77
C LEU A 242 -6.29 4.11 -13.99
N ASP A 243 -6.70 5.12 -13.23
CA ASP A 243 -7.94 5.00 -12.47
C ASP A 243 -9.13 5.05 -13.39
N LEU A 244 -9.02 4.19 -14.39
CA LEU A 244 -10.05 3.88 -15.37
C LEU A 244 -9.89 2.35 -15.32
N HIS A 245 -8.95 1.84 -16.10
CA HIS A 245 -8.60 0.42 -16.09
C HIS A 245 -7.23 0.20 -15.42
N MET B 1 -18.48 3.60 30.64
CA MET B 1 -18.79 2.31 29.95
C MET B 1 -18.11 1.15 30.67
N ARG B 2 -18.88 0.14 31.03
CA ARG B 2 -18.36 -1.01 31.73
C ARG B 2 -17.92 -2.09 30.75
N VAL B 3 -16.59 -2.28 30.72
CA VAL B 3 -15.94 -3.22 29.82
C VAL B 3 -15.33 -4.43 30.54
N GLY B 4 -15.64 -5.62 30.03
CA GLY B 4 -15.04 -6.83 30.56
C GLY B 4 -14.15 -7.49 29.52
N VAL B 5 -13.17 -8.26 29.99
CA VAL B 5 -12.25 -8.94 29.10
C VAL B 5 -12.23 -10.46 29.26
N LEU B 6 -12.46 -11.15 28.15
CA LEU B 6 -12.37 -12.61 28.12
C LEU B 6 -10.99 -12.94 27.60
N GLY B 7 -10.25 -13.77 28.35
CA GLY B 7 -8.91 -14.15 27.95
C GLY B 7 -7.94 -13.19 28.61
N ALA B 8 -8.34 -12.72 29.79
CA ALA B 8 -7.59 -11.74 30.55
C ALA B 8 -6.14 -12.06 30.87
N LYS B 9 -5.80 -13.34 30.92
CA LYS B 9 -4.42 -13.73 31.21
C LYS B 9 -3.61 -14.04 29.95
N GLY B 10 -4.26 -13.98 28.79
CA GLY B 10 -3.59 -14.28 27.53
C GLY B 10 -2.57 -13.26 27.11
N LYS B 11 -1.72 -13.62 26.15
CA LYS B 11 -0.71 -12.69 25.64
C LYS B 11 -1.37 -11.38 25.25
N VAL B 12 -2.39 -11.47 24.41
CA VAL B 12 -3.13 -10.27 24.01
C VAL B 12 -4.10 -9.78 25.08
N GLY B 13 -4.86 -10.70 25.66
CA GLY B 13 -5.83 -10.32 26.68
C GLY B 13 -5.32 -9.48 27.83
N THR B 14 -4.14 -9.79 28.33
CA THR B 14 -3.62 -9.03 29.45
C THR B 14 -3.31 -7.61 29.01
N THR B 15 -2.89 -7.46 27.77
CA THR B 15 -2.59 -6.14 27.26
C THR B 15 -3.86 -5.29 27.18
N MET B 16 -4.98 -5.92 26.82
CA MET B 16 -6.28 -5.23 26.75
C MET B 16 -6.73 -4.82 28.16
N VAL B 17 -6.48 -5.67 29.14
CA VAL B 17 -6.83 -5.36 30.52
C VAL B 17 -6.15 -4.06 30.96
N ARG B 18 -4.85 -3.94 30.70
CA ARG B 18 -4.13 -2.75 31.09
C ARG B 18 -4.68 -1.57 30.34
N ALA B 19 -4.98 -1.76 29.07
CA ALA B 19 -5.52 -0.67 28.25
C ALA B 19 -6.84 -0.16 28.77
N VAL B 20 -7.76 -1.08 29.08
CA VAL B 20 -9.05 -0.68 29.62
C VAL B 20 -8.84 -0.01 30.97
N ALA B 21 -8.08 -0.67 31.84
CA ALA B 21 -7.80 -0.14 33.16
C ALA B 21 -7.31 1.29 33.07
N ALA B 22 -6.42 1.55 32.13
CA ALA B 22 -5.89 2.90 31.96
C ALA B 22 -6.81 3.90 31.22
N ALA B 23 -7.83 3.42 30.51
CA ALA B 23 -8.72 4.37 29.84
C ALA B 23 -9.58 5.11 30.85
N ASP B 24 -9.51 6.44 30.77
CA ASP B 24 -10.27 7.33 31.64
C ASP B 24 -11.79 7.23 31.46
N ASP B 25 -12.25 6.82 30.28
CA ASP B 25 -13.68 6.70 30.01
C ASP B 25 -14.23 5.28 30.07
N LEU B 26 -13.39 4.34 30.49
CA LEU B 26 -13.84 2.98 30.62
C LEU B 26 -13.59 2.42 32.00
N THR B 27 -14.53 1.63 32.49
CA THR B 27 -14.40 0.93 33.76
C THR B 27 -14.13 -0.53 33.47
N LEU B 28 -12.99 -1.04 33.93
CA LEU B 28 -12.74 -2.48 33.83
C LEU B 28 -13.70 -3.14 34.84
N SER B 29 -14.69 -3.87 34.34
CA SER B 29 -15.68 -4.49 35.22
C SER B 29 -15.61 -6.01 35.28
N ALA B 30 -14.71 -6.61 34.52
CA ALA B 30 -14.61 -8.05 34.53
C ALA B 30 -13.30 -8.51 33.91
N GLU B 31 -12.72 -9.56 34.49
CA GLU B 31 -11.46 -10.17 34.03
C GLU B 31 -11.63 -11.67 34.10
N LEU B 32 -12.05 -12.28 33.00
CA LEU B 32 -12.22 -13.71 32.98
C LEU B 32 -11.14 -14.40 32.17
N ASP B 33 -10.66 -15.53 32.67
CA ASP B 33 -9.78 -16.37 31.88
C ASP B 33 -10.34 -17.77 31.97
N ALA B 34 -9.58 -18.77 31.50
CA ALA B 34 -10.07 -20.14 31.56
C ALA B 34 -10.54 -20.48 32.97
N GLY B 35 -11.76 -21.01 33.08
CA GLY B 35 -12.24 -21.46 34.37
C GLY B 35 -12.89 -20.40 35.26
N ASP B 36 -13.18 -19.25 34.68
CA ASP B 36 -13.88 -18.23 35.43
C ASP B 36 -15.34 -18.27 34.98
N PRO B 37 -16.27 -18.12 35.93
CA PRO B 37 -17.67 -18.17 35.50
C PRO B 37 -18.07 -16.94 34.67
N LEU B 38 -18.83 -17.16 33.61
CA LEU B 38 -19.31 -16.06 32.81
C LEU B 38 -20.20 -15.09 33.59
N SER B 39 -20.83 -15.57 34.66
CA SER B 39 -21.70 -14.68 35.43
C SER B 39 -20.95 -13.55 36.08
N LEU B 40 -19.63 -13.65 36.13
CA LEU B 40 -18.80 -12.55 36.62
C LEU B 40 -19.09 -11.34 35.73
N LEU B 41 -19.39 -11.60 34.46
CA LEU B 41 -19.73 -10.54 33.54
C LEU B 41 -21.04 -9.90 33.98
N THR B 42 -22.14 -10.65 33.89
CA THR B 42 -23.46 -10.17 34.31
C THR B 42 -23.42 -9.63 35.75
N ASP B 43 -22.57 -10.24 36.56
CA ASP B 43 -22.43 -9.83 37.94
C ASP B 43 -21.92 -8.43 38.13
N GLY B 44 -20.97 -8.04 37.29
CA GLY B 44 -20.43 -6.70 37.41
C GLY B 44 -21.11 -5.65 36.56
N ASN B 45 -22.25 -5.96 35.99
CA ASN B 45 -22.92 -4.98 35.17
C ASN B 45 -22.01 -4.59 34.00
N THR B 46 -21.47 -5.60 33.30
CA THR B 46 -20.64 -5.35 32.13
C THR B 46 -21.53 -5.01 30.95
N GLU B 47 -21.13 -3.99 30.19
CA GLU B 47 -21.88 -3.57 29.01
C GLU B 47 -21.28 -4.05 27.70
N VAL B 48 -19.97 -4.10 27.65
CA VAL B 48 -19.28 -4.54 26.46
C VAL B 48 -18.15 -5.47 26.86
N VAL B 49 -17.91 -6.50 26.06
CA VAL B 49 -16.82 -7.45 26.30
C VAL B 49 -15.79 -7.48 25.16
N ILE B 50 -14.51 -7.55 25.51
CA ILE B 50 -13.41 -7.72 24.55
C ILE B 50 -13.04 -9.21 24.66
N ASP B 51 -13.10 -9.94 23.55
CA ASP B 51 -12.77 -11.37 23.59
C ASP B 51 -11.54 -11.69 22.76
N PHE B 52 -10.49 -12.16 23.43
CA PHE B 52 -9.27 -12.62 22.79
C PHE B 52 -8.97 -13.93 23.49
N THR B 53 -9.68 -14.98 23.09
CA THR B 53 -9.52 -16.27 23.75
C THR B 53 -9.09 -17.41 22.84
N HIS B 54 -10.06 -18.22 22.41
CA HIS B 54 -9.74 -19.37 21.59
C HIS B 54 -10.91 -19.82 20.69
N PRO B 55 -10.60 -20.25 19.45
CA PRO B 55 -11.63 -20.71 18.51
C PRO B 55 -12.57 -21.77 19.09
N ASP B 56 -12.06 -22.54 20.03
CA ASP B 56 -12.85 -23.59 20.65
C ASP B 56 -13.86 -23.09 21.67
N VAL B 57 -13.71 -21.86 22.14
CA VAL B 57 -14.62 -21.34 23.18
C VAL B 57 -15.37 -20.07 22.81
N VAL B 58 -14.92 -19.37 21.77
CA VAL B 58 -15.55 -18.12 21.39
C VAL B 58 -17.05 -18.24 21.13
N MET B 59 -17.49 -19.24 20.37
CA MET B 59 -18.94 -19.40 20.13
C MET B 59 -19.69 -19.60 21.44
N GLY B 60 -19.07 -20.28 22.39
CA GLY B 60 -19.72 -20.47 23.67
C GLY B 60 -19.92 -19.14 24.39
N ASN B 61 -18.86 -18.35 24.47
CA ASN B 61 -18.95 -17.02 25.05
C ASN B 61 -19.90 -16.12 24.26
N LEU B 62 -19.88 -16.21 22.93
CA LEU B 62 -20.74 -15.37 22.13
C LEU B 62 -22.23 -15.60 22.42
N GLU B 63 -22.65 -16.86 22.54
CA GLU B 63 -24.06 -17.15 22.85
C GLU B 63 -24.49 -16.51 24.16
N PHE B 64 -23.68 -16.69 25.19
CA PHE B 64 -23.97 -16.09 26.48
C PHE B 64 -24.11 -14.57 26.37
N LEU B 65 -23.07 -13.93 25.87
CA LEU B 65 -23.07 -12.47 25.72
C LEU B 65 -24.29 -11.95 24.97
N ILE B 66 -24.56 -12.47 23.78
CA ILE B 66 -25.71 -12.02 23.01
C ILE B 66 -26.98 -12.27 23.81
N ASP B 67 -27.05 -13.46 24.39
CA ASP B 67 -28.16 -13.85 25.25
C ASP B 67 -28.49 -12.82 26.31
N ASN B 68 -27.44 -12.27 26.92
CA ASN B 68 -27.64 -11.26 27.95
C ASN B 68 -27.50 -9.82 27.47
N GLY B 69 -27.56 -9.63 26.16
CA GLY B 69 -27.47 -8.28 25.61
C GLY B 69 -26.14 -7.56 25.80
N ILE B 70 -25.08 -8.29 26.16
CA ILE B 70 -23.75 -7.67 26.27
C ILE B 70 -23.16 -7.55 24.87
N HIS B 71 -22.58 -6.41 24.54
CA HIS B 71 -21.95 -6.24 23.23
C HIS B 71 -20.58 -6.91 23.21
N ALA B 72 -20.16 -7.37 22.04
CA ALA B 72 -18.89 -8.04 21.94
C ALA B 72 -17.96 -7.51 20.86
N VAL B 73 -16.72 -7.25 21.26
CA VAL B 73 -15.64 -6.90 20.32
C VAL B 73 -14.73 -8.12 20.35
N VAL B 74 -14.78 -8.89 19.27
CA VAL B 74 -14.04 -10.13 19.17
C VAL B 74 -12.84 -10.14 18.21
N GLY B 75 -11.68 -10.44 18.78
CA GLY B 75 -10.47 -10.56 18.01
C GLY B 75 -10.09 -12.03 17.81
N THR B 76 -10.57 -12.91 18.68
CA THR B 76 -10.32 -14.35 18.56
C THR B 76 -10.53 -14.83 17.15
N THR B 77 -9.61 -15.65 16.63
CA THR B 77 -9.72 -16.12 15.25
C THR B 77 -10.51 -17.41 15.02
N GLY B 78 -10.56 -17.84 13.77
CA GLY B 78 -11.21 -19.08 13.43
C GLY B 78 -12.69 -18.98 13.08
N PHE B 79 -13.18 -17.79 12.80
CA PHE B 79 -14.59 -17.66 12.44
C PHE B 79 -14.81 -18.11 11.03
N THR B 80 -15.94 -18.74 10.77
CA THR B 80 -16.27 -19.17 9.42
C THR B 80 -17.66 -18.72 9.04
N ALA B 81 -17.99 -18.91 7.76
CA ALA B 81 -19.30 -18.56 7.26
C ALA B 81 -20.41 -19.10 8.16
N GLU B 82 -20.36 -20.39 8.46
CA GLU B 82 -21.38 -20.99 9.31
C GLU B 82 -21.37 -20.32 10.68
N ARG B 83 -20.18 -20.07 11.19
CA ARG B 83 -20.05 -19.39 12.48
C ARG B 83 -20.68 -17.99 12.39
N PHE B 84 -20.27 -17.23 11.38
CA PHE B 84 -20.87 -15.92 11.19
C PHE B 84 -22.40 -16.06 11.21
N GLN B 85 -22.92 -17.19 10.76
CA GLN B 85 -24.36 -17.45 10.73
C GLN B 85 -25.12 -17.62 12.06
N GLN B 86 -24.53 -18.32 13.02
CA GLN B 86 -25.19 -18.54 14.30
C GLN B 86 -25.35 -17.25 15.09
N VAL B 87 -24.29 -16.45 15.04
CA VAL B 87 -24.25 -15.18 15.76
C VAL B 87 -25.34 -14.22 15.28
N GLU B 88 -25.65 -14.26 13.98
CA GLU B 88 -26.71 -13.44 13.40
C GLU B 88 -28.09 -13.86 13.90
N SER B 89 -28.41 -15.13 13.71
CA SER B 89 -29.67 -15.67 14.17
C SER B 89 -29.79 -15.49 15.68
N TRP B 90 -28.65 -15.49 16.36
CA TRP B 90 -28.68 -15.23 17.79
C TRP B 90 -29.07 -13.77 18.03
N LEU B 91 -28.55 -12.86 17.20
CA LEU B 91 -28.83 -11.44 17.40
C LEU B 91 -30.21 -11.02 16.99
N VAL B 92 -30.75 -11.67 15.97
CA VAL B 92 -32.09 -11.35 15.53
C VAL B 92 -33.03 -11.40 16.72
N ALA B 93 -32.81 -12.37 17.60
CA ALA B 93 -33.64 -12.50 18.81
C ALA B 93 -33.21 -11.53 19.90
N LYS B 94 -32.15 -10.79 19.64
CA LYS B 94 -31.65 -9.80 20.58
C LYS B 94 -31.18 -8.57 19.82
N PRO B 95 -32.07 -7.96 19.02
CA PRO B 95 -31.65 -6.76 18.29
C PRO B 95 -31.10 -5.80 19.34
N ASN B 96 -30.44 -4.74 18.91
CA ASN B 96 -29.86 -3.78 19.86
C ASN B 96 -28.61 -4.34 20.53
N THR B 97 -28.18 -5.51 20.10
CA THR B 97 -26.93 -6.05 20.62
C THR B 97 -26.02 -6.02 19.44
N SER B 98 -24.82 -5.49 19.65
CA SER B 98 -23.84 -5.41 18.58
C SER B 98 -22.66 -6.35 18.80
N VAL B 99 -22.19 -6.97 17.73
CA VAL B 99 -21.02 -7.83 17.79
C VAL B 99 -20.09 -7.42 16.65
N LEU B 100 -18.84 -7.13 16.99
CA LEU B 100 -17.83 -6.74 15.99
C LEU B 100 -16.75 -7.80 16.05
N ILE B 101 -16.51 -8.43 14.92
CA ILE B 101 -15.45 -9.43 14.79
C ILE B 101 -14.47 -8.94 13.72
N ALA B 102 -13.22 -8.77 14.11
CA ALA B 102 -12.16 -8.32 13.20
C ALA B 102 -11.00 -9.30 13.14
N PRO B 103 -10.60 -9.71 11.92
CA PRO B 103 -9.47 -10.65 11.81
C PRO B 103 -8.17 -10.00 12.29
N ASN B 104 -8.15 -8.67 12.36
CA ASN B 104 -6.97 -7.98 12.80
C ASN B 104 -7.38 -6.58 13.21
N PHE B 105 -6.87 -6.11 14.35
CA PHE B 105 -7.20 -4.78 14.87
C PHE B 105 -6.11 -3.73 14.67
N ALA B 106 -4.94 -4.13 14.17
CA ALA B 106 -3.86 -3.20 13.87
C ALA B 106 -4.29 -2.46 12.62
N ILE B 107 -4.09 -1.15 12.59
CA ILE B 107 -4.47 -0.33 11.45
C ILE B 107 -3.69 -0.65 10.19
N GLY B 108 -2.37 -0.84 10.34
CA GLY B 108 -1.56 -1.17 9.19
C GLY B 108 -2.06 -2.42 8.48
N ALA B 109 -2.56 -3.37 9.26
CA ALA B 109 -3.07 -4.60 8.70
C ALA B 109 -4.33 -4.35 7.93
N VAL B 110 -5.23 -3.57 8.51
CA VAL B 110 -6.46 -3.23 7.82
C VAL B 110 -6.14 -2.46 6.54
N LEU B 111 -5.22 -1.52 6.62
CA LEU B 111 -4.83 -0.76 5.43
C LEU B 111 -4.18 -1.67 4.37
N SER B 112 -3.38 -2.62 4.81
CA SER B 112 -2.72 -3.56 3.89
C SER B 112 -3.73 -4.34 3.08
N MET B 113 -4.79 -4.80 3.73
CA MET B 113 -5.82 -5.55 3.04
C MET B 113 -6.56 -4.68 2.02
N HIS B 114 -6.71 -3.40 2.34
CA HIS B 114 -7.35 -2.41 1.50
C HIS B 114 -6.51 -2.20 0.23
N PHE B 115 -5.23 -1.94 0.43
CA PHE B 115 -4.28 -1.73 -0.65
C PHE B 115 -4.14 -2.96 -1.56
N ALA B 116 -4.03 -4.15 -0.97
CA ALA B 116 -3.94 -5.37 -1.76
C ALA B 116 -5.13 -5.50 -2.69
N LYS B 117 -6.31 -5.11 -2.21
CA LYS B 117 -7.52 -5.15 -3.01
C LYS B 117 -7.35 -4.29 -4.25
N GLN B 118 -6.81 -3.09 -4.04
CA GLN B 118 -6.59 -2.15 -5.10
C GLN B 118 -5.51 -2.53 -6.11
N ALA B 119 -4.44 -3.18 -5.65
CA ALA B 119 -3.33 -3.51 -6.53
C ALA B 119 -3.45 -4.81 -7.30
N ALA B 120 -4.22 -5.74 -6.75
CA ALA B 120 -4.39 -7.06 -7.34
C ALA B 120 -4.55 -7.14 -8.84
N ARG B 121 -5.42 -6.31 -9.41
CA ARG B 121 -5.68 -6.41 -10.84
C ARG B 121 -4.56 -5.90 -11.75
N PHE B 122 -3.57 -5.21 -11.16
CA PHE B 122 -2.50 -4.64 -11.97
C PHE B 122 -1.29 -5.55 -12.15
N PHE B 123 -1.29 -6.73 -11.53
CA PHE B 123 -0.13 -7.60 -11.60
C PHE B 123 -0.40 -8.99 -12.11
N ASP B 124 0.64 -9.67 -12.55
CA ASP B 124 0.49 -11.03 -13.01
C ASP B 124 0.57 -12.01 -11.85
N SER B 125 1.33 -11.65 -10.80
CA SER B 125 1.56 -12.53 -9.67
C SER B 125 1.24 -11.89 -8.33
N ALA B 126 0.75 -12.71 -7.41
CA ALA B 126 0.45 -12.30 -6.04
C ALA B 126 0.70 -13.51 -5.14
N GLU B 127 1.50 -13.33 -4.10
CA GLU B 127 1.68 -14.37 -3.09
C GLU B 127 1.61 -13.69 -1.73
N VAL B 128 1.38 -14.46 -0.67
CA VAL B 128 1.35 -13.87 0.68
C VAL B 128 2.29 -14.62 1.60
N ILE B 129 3.21 -13.87 2.22
CA ILE B 129 4.11 -14.38 3.24
C ILE B 129 3.64 -13.77 4.54
N GLU B 130 3.40 -14.63 5.51
CA GLU B 130 2.91 -14.27 6.81
C GLU B 130 3.98 -14.81 7.81
N LEU B 131 4.29 -14.00 8.83
CA LEU B 131 5.31 -14.35 9.83
C LEU B 131 4.81 -14.09 11.27
N HIS B 132 4.77 -15.13 12.10
CA HIS B 132 4.33 -14.99 13.47
C HIS B 132 5.18 -15.70 14.51
N HIS B 133 4.98 -15.33 15.78
CA HIS B 133 5.64 -15.97 16.92
C HIS B 133 5.35 -17.48 16.92
N PRO B 134 6.25 -18.27 17.52
CA PRO B 134 6.07 -19.72 17.57
C PRO B 134 5.02 -20.28 18.51
N HIS B 135 4.16 -19.44 19.07
CA HIS B 135 3.11 -19.96 19.93
C HIS B 135 1.77 -20.00 19.20
N LYS B 136 1.73 -19.44 18.00
CA LYS B 136 0.49 -19.42 17.23
C LYS B 136 0.10 -20.81 16.79
N ALA B 137 -1.12 -21.19 17.12
CA ALA B 137 -1.67 -22.50 16.82
C ALA B 137 -2.09 -22.74 15.40
N ASP B 138 -2.55 -21.67 14.73
CA ASP B 138 -3.06 -21.81 13.38
C ASP B 138 -2.16 -21.22 12.26
N ALA B 139 -2.06 -21.94 11.15
CA ALA B 139 -1.30 -21.48 9.99
C ALA B 139 -2.06 -21.89 8.75
N PRO B 140 -2.27 -20.96 7.80
CA PRO B 140 -1.82 -19.55 7.89
C PRO B 140 -2.71 -18.74 8.83
N SER B 141 -2.28 -17.54 9.15
CA SER B 141 -3.08 -16.66 9.99
C SER B 141 -4.41 -16.35 9.31
N GLY B 142 -5.40 -15.92 10.08
CA GLY B 142 -6.66 -15.55 9.48
C GLY B 142 -6.50 -14.31 8.62
N THR B 143 -5.70 -13.36 9.11
CA THR B 143 -5.40 -12.17 8.33
C THR B 143 -4.86 -12.55 6.94
N ALA B 144 -3.87 -13.44 6.90
CA ALA B 144 -3.26 -13.87 5.65
C ALA B 144 -4.28 -14.51 4.73
N ALA B 145 -5.07 -15.44 5.28
CA ALA B 145 -6.11 -16.11 4.48
C ALA B 145 -7.14 -15.15 3.92
N ARG B 146 -7.62 -14.24 4.76
CA ARG B 146 -8.57 -13.23 4.33
C ARG B 146 -7.94 -12.35 3.24
N THR B 147 -6.65 -12.02 3.41
CA THR B 147 -5.97 -11.24 2.39
C THR B 147 -5.84 -12.00 1.08
N ALA B 148 -5.61 -13.31 1.13
CA ALA B 148 -5.60 -14.09 -0.11
C ALA B 148 -7.00 -14.15 -0.73
N LYS B 149 -8.04 -14.29 0.08
CA LYS B 149 -9.41 -14.26 -0.43
C LYS B 149 -9.70 -12.98 -1.21
N LEU B 150 -9.36 -11.84 -0.60
CA LEU B 150 -9.57 -10.53 -1.24
C LEU B 150 -8.86 -10.37 -2.54
N ILE B 151 -7.61 -10.79 -2.60
CA ILE B 151 -6.82 -10.67 -3.83
C ILE B 151 -7.44 -11.52 -4.93
N ALA B 152 -7.83 -12.74 -4.58
CA ALA B 152 -8.46 -13.66 -5.52
C ALA B 152 -9.77 -13.07 -6.07
N GLU B 153 -10.63 -12.58 -5.19
CA GLU B 153 -11.90 -11.99 -5.62
C GLU B 153 -11.65 -10.74 -6.47
N ALA B 154 -10.60 -10.00 -6.18
CA ALA B 154 -10.32 -8.81 -6.99
C ALA B 154 -9.77 -9.18 -8.38
N ARG B 155 -9.29 -10.40 -8.53
CA ARG B 155 -8.74 -10.80 -9.81
C ARG B 155 -9.63 -11.74 -10.60
N LYS B 156 -10.88 -11.84 -10.17
CA LYS B 156 -11.85 -12.66 -10.89
C LYS B 156 -11.79 -12.29 -12.36
N GLY B 157 -11.75 -13.30 -13.23
CA GLY B 157 -11.77 -13.00 -14.65
C GLY B 157 -10.39 -12.89 -15.26
N LEU B 158 -9.35 -12.87 -14.42
CA LEU B 158 -7.98 -12.84 -14.90
C LEU B 158 -7.36 -14.22 -14.76
N PRO B 159 -6.31 -14.50 -15.53
CA PRO B 159 -5.66 -15.82 -15.45
C PRO B 159 -4.92 -15.96 -14.13
N PRO B 160 -4.55 -17.20 -13.80
CA PRO B 160 -3.84 -17.54 -12.56
C PRO B 160 -2.41 -17.09 -12.54
N ASN B 161 -1.80 -17.16 -11.37
CA ASN B 161 -0.39 -16.85 -11.25
C ASN B 161 0.35 -17.79 -12.21
N PRO B 162 1.31 -17.27 -12.97
CA PRO B 162 2.06 -18.14 -13.88
C PRO B 162 3.08 -18.92 -13.02
N ASP B 163 3.14 -20.23 -13.16
CA ASP B 163 4.07 -21.04 -12.37
C ASP B 163 4.49 -22.25 -13.20
N ALA B 164 5.78 -22.33 -13.53
CA ALA B 164 6.31 -23.45 -14.27
C ALA B 164 6.84 -24.56 -13.39
N THR B 165 6.50 -24.56 -12.11
CA THR B 165 6.97 -25.62 -11.23
C THR B 165 6.59 -27.00 -11.75
N SER B 166 7.58 -27.86 -11.91
CA SER B 166 7.36 -29.22 -12.36
C SER B 166 7.81 -30.25 -11.31
N THR B 167 8.83 -29.91 -10.53
CA THR B 167 9.19 -30.81 -9.44
C THR B 167 9.38 -29.99 -8.22
N SER B 168 8.89 -30.49 -7.10
CA SER B 168 9.03 -29.79 -5.86
C SER B 168 8.82 -30.69 -4.65
N LEU B 169 9.43 -30.29 -3.54
CA LEU B 169 9.20 -30.93 -2.26
C LEU B 169 7.81 -30.53 -1.80
N PRO B 170 7.10 -31.44 -1.15
CA PRO B 170 5.75 -31.09 -0.68
C PRO B 170 5.80 -29.87 0.22
N GLY B 171 4.88 -28.93 0.01
CA GLY B 171 4.79 -27.76 0.87
C GLY B 171 5.65 -26.58 0.47
N ALA B 172 6.64 -26.82 -0.39
CA ALA B 172 7.53 -25.76 -0.79
C ALA B 172 6.77 -24.58 -1.35
N ARG B 173 5.72 -24.83 -2.12
CA ARG B 173 4.96 -23.75 -2.71
C ARG B 173 3.85 -23.15 -1.83
N GLY B 174 3.82 -23.53 -0.55
CA GLY B 174 2.88 -22.93 0.39
C GLY B 174 1.46 -23.48 0.34
N ALA B 175 0.55 -22.86 1.08
CA ALA B 175 -0.85 -23.26 1.07
C ALA B 175 -1.59 -22.55 -0.05
N ASP B 176 -2.51 -23.26 -0.68
CA ASP B 176 -3.32 -22.65 -1.69
C ASP B 176 -4.58 -22.06 -1.06
N VAL B 177 -4.75 -20.76 -1.19
CA VAL B 177 -5.92 -20.09 -0.67
C VAL B 177 -6.58 -19.42 -1.82
N ASP B 178 -7.56 -20.09 -2.41
CA ASP B 178 -8.31 -19.51 -3.53
C ASP B 178 -7.31 -19.21 -4.64
N GLY B 179 -6.33 -20.08 -4.82
CA GLY B 179 -5.39 -19.90 -5.90
C GLY B 179 -4.28 -18.89 -5.63
N ILE B 180 -4.20 -18.39 -4.40
CA ILE B 180 -3.13 -17.45 -4.00
C ILE B 180 -2.26 -18.21 -3.01
N PRO B 181 -0.96 -18.35 -3.30
CA PRO B 181 -0.09 -19.07 -2.38
C PRO B 181 0.13 -18.30 -1.10
N VAL B 182 0.05 -18.99 0.04
CA VAL B 182 0.26 -18.36 1.34
C VAL B 182 1.33 -19.13 2.11
N HIS B 183 2.38 -18.44 2.58
CA HIS B 183 3.45 -19.07 3.34
C HIS B 183 3.47 -18.61 4.80
N ALA B 184 3.51 -19.56 5.73
CA ALA B 184 3.53 -19.23 7.14
C ALA B 184 4.86 -19.49 7.82
N VAL B 185 5.47 -18.42 8.32
CA VAL B 185 6.72 -18.51 9.05
C VAL B 185 6.47 -18.43 10.55
N ARG B 186 7.00 -19.38 11.32
CA ARG B 186 6.85 -19.33 12.79
C ARG B 186 8.24 -19.26 13.38
N LEU B 187 8.58 -18.07 13.85
CA LEU B 187 9.92 -17.78 14.33
C LEU B 187 9.96 -17.07 15.67
N ALA B 188 10.83 -17.54 16.54
CA ALA B 188 11.09 -16.90 17.81
C ALA B 188 11.49 -15.46 17.56
N GLY B 189 10.99 -14.55 18.41
CA GLY B 189 11.36 -13.16 18.31
C GLY B 189 10.33 -12.32 17.57
N LEU B 190 9.52 -12.97 16.75
CA LEU B 190 8.47 -12.28 16.00
C LEU B 190 7.19 -12.13 16.82
N VAL B 191 6.33 -11.20 16.39
CA VAL B 191 5.02 -11.05 16.97
C VAL B 191 3.96 -11.34 15.89
N ALA B 192 3.73 -10.39 14.98
CA ALA B 192 2.75 -10.57 13.92
C ALA B 192 3.12 -9.75 12.71
N HIS B 193 3.40 -10.43 11.60
CA HIS B 193 3.90 -9.76 10.42
C HIS B 193 3.35 -10.39 9.14
N GLN B 194 3.13 -9.55 8.14
CA GLN B 194 2.65 -10.01 6.84
C GLN B 194 3.19 -9.20 5.66
N GLU B 195 3.52 -9.92 4.59
CA GLU B 195 4.02 -9.31 3.37
C GLU B 195 3.13 -9.73 2.20
N VAL B 196 2.66 -8.76 1.42
CA VAL B 196 1.91 -9.09 0.22
C VAL B 196 2.81 -8.75 -0.96
N LEU B 197 3.03 -9.74 -1.82
CA LEU B 197 3.92 -9.56 -2.95
C LEU B 197 3.21 -9.60 -4.28
N PHE B 198 3.31 -8.52 -5.04
CA PHE B 198 2.76 -8.47 -6.38
C PHE B 198 3.89 -8.36 -7.37
N GLY B 199 3.80 -9.08 -8.46
CA GLY B 199 4.85 -8.99 -9.45
C GLY B 199 4.32 -9.00 -10.86
N THR B 200 5.01 -8.27 -11.72
CA THR B 200 4.74 -8.24 -13.14
C THR B 200 6.12 -8.06 -13.75
N GLU B 201 6.18 -7.88 -15.06
CA GLU B 201 7.44 -7.72 -15.80
C GLU B 201 8.41 -6.66 -15.27
N GLY B 202 9.54 -7.12 -14.72
CA GLY B 202 10.59 -6.23 -14.26
C GLY B 202 10.34 -5.40 -13.00
N GLU B 203 9.30 -5.71 -12.25
CA GLU B 203 9.03 -4.95 -11.03
C GLU B 203 8.15 -5.72 -10.06
N THR B 204 8.20 -5.32 -8.80
CA THR B 204 7.36 -5.92 -7.77
C THR B 204 6.86 -4.83 -6.80
N LEU B 205 5.69 -5.07 -6.21
CA LEU B 205 5.11 -4.18 -5.20
C LEU B 205 4.99 -5.04 -3.93
N THR B 206 5.50 -4.54 -2.82
CA THR B 206 5.38 -5.25 -1.57
C THR B 206 4.70 -4.34 -0.55
N ILE B 207 3.62 -4.83 0.07
CA ILE B 207 2.98 -4.09 1.15
C ILE B 207 3.29 -4.90 2.40
N ARG B 208 4.08 -4.34 3.30
CA ARG B 208 4.47 -5.07 4.50
C ARG B 208 3.94 -4.45 5.78
N HIS B 209 3.34 -5.30 6.62
CA HIS B 209 2.87 -4.81 7.89
C HIS B 209 3.58 -5.54 9.02
N ASP B 210 4.01 -4.80 10.02
CA ASP B 210 4.70 -5.36 11.16
C ASP B 210 4.10 -4.94 12.47
N SER B 211 3.63 -5.91 13.24
CA SER B 211 3.25 -5.62 14.61
C SER B 211 4.45 -6.00 15.42
N LEU B 212 5.23 -5.02 15.88
CA LEU B 212 6.38 -5.30 16.70
C LEU B 212 5.92 -5.56 18.11
N ASP B 213 4.71 -5.12 18.40
CA ASP B 213 4.21 -5.25 19.76
C ASP B 213 2.70 -5.41 19.82
N ARG B 214 2.23 -6.12 20.84
CA ARG B 214 0.79 -6.33 20.98
C ARG B 214 0.00 -5.08 21.38
N THR B 215 0.68 -4.01 21.75
CA THR B 215 -0.03 -2.78 21.99
C THR B 215 -0.62 -2.29 20.67
N SER B 216 -0.05 -2.74 19.56
CA SER B 216 -0.52 -2.29 18.24
C SER B 216 -1.99 -2.59 18.01
N PHE B 217 -2.52 -3.57 18.75
CA PHE B 217 -3.93 -3.93 18.61
C PHE B 217 -4.93 -3.14 19.51
N VAL B 218 -4.41 -2.35 20.44
CA VAL B 218 -5.28 -1.62 21.35
C VAL B 218 -6.13 -0.47 20.76
N PRO B 219 -5.49 0.44 19.99
CA PRO B 219 -6.29 1.54 19.43
C PRO B 219 -7.48 1.04 18.63
N GLY B 220 -7.22 0.05 17.79
CA GLY B 220 -8.28 -0.51 16.99
C GLY B 220 -9.36 -1.11 17.86
N VAL B 221 -8.98 -1.89 18.88
CA VAL B 221 -9.96 -2.48 19.78
C VAL B 221 -10.79 -1.46 20.58
N LEU B 222 -10.13 -0.51 21.21
CA LEU B 222 -10.81 0.52 21.97
C LEU B 222 -11.69 1.38 21.08
N LEU B 223 -11.26 1.59 19.85
CA LEU B 223 -12.09 2.37 18.94
C LEU B 223 -13.41 1.63 18.76
N ALA B 224 -13.31 0.32 18.54
CA ALA B 224 -14.47 -0.52 18.37
C ALA B 224 -15.30 -0.62 19.66
N VAL B 225 -14.63 -0.73 20.80
CA VAL B 225 -15.31 -0.80 22.08
C VAL B 225 -16.21 0.41 22.28
N ARG B 226 -15.68 1.58 21.95
CA ARG B 226 -16.42 2.82 22.12
C ARG B 226 -17.59 3.08 21.20
N ARG B 227 -17.47 2.73 19.92
CA ARG B 227 -18.56 2.98 18.99
C ARG B 227 -19.36 1.72 18.70
N ILE B 228 -19.13 0.68 19.51
CA ILE B 228 -19.81 -0.59 19.34
C ILE B 228 -21.31 -0.52 19.07
N ALA B 229 -22.01 0.26 19.86
CA ALA B 229 -23.45 0.40 19.71
C ALA B 229 -23.91 1.27 18.55
N GLU B 230 -22.98 1.76 17.74
CA GLU B 230 -23.37 2.57 16.60
C GLU B 230 -24.07 1.67 15.57
N ARG B 231 -23.69 0.40 15.55
CA ARG B 231 -24.30 -0.57 14.63
C ARG B 231 -24.83 -1.84 15.29
N PRO B 232 -26.15 -1.90 15.54
CA PRO B 232 -26.71 -3.11 16.15
C PRO B 232 -26.55 -4.25 15.17
N GLY B 233 -26.42 -5.45 15.69
CA GLY B 233 -26.23 -6.59 14.82
C GLY B 233 -24.76 -6.92 14.72
N LEU B 234 -24.43 -7.62 13.65
CA LEU B 234 -23.06 -8.04 13.42
C LEU B 234 -22.27 -7.17 12.47
N THR B 235 -21.04 -6.89 12.87
CA THR B 235 -20.12 -6.18 12.02
C THR B 235 -18.88 -7.06 11.95
N VAL B 236 -18.48 -7.39 10.73
CA VAL B 236 -17.29 -8.17 10.51
C VAL B 236 -16.27 -7.18 9.97
N GLY B 237 -15.15 -7.02 10.64
CA GLY B 237 -14.13 -6.13 10.14
C GLY B 237 -14.13 -4.77 10.82
N LEU B 238 -12.99 -4.09 10.72
CA LEU B 238 -12.80 -2.77 11.32
C LEU B 238 -13.04 -1.68 10.28
N GLU B 239 -13.06 -2.10 9.01
CA GLU B 239 -13.29 -1.24 7.85
C GLU B 239 -14.43 -0.23 8.01
N PRO B 240 -15.63 -0.69 8.41
CA PRO B 240 -16.81 0.18 8.60
C PRO B 240 -16.59 1.38 9.53
N LEU B 241 -15.78 1.17 10.56
CA LEU B 241 -15.42 2.20 11.51
C LEU B 241 -14.37 3.14 10.92
N LEU B 242 -13.34 2.58 10.29
CA LEU B 242 -12.28 3.39 9.70
C LEU B 242 -12.78 4.15 8.50
N ASP B 243 -14.07 4.03 8.20
CA ASP B 243 -14.64 4.72 7.05
C ASP B 243 -13.72 4.54 5.85
N LEU B 244 -13.72 3.32 5.33
CA LEU B 244 -12.93 2.94 4.17
C LEU B 244 -13.35 1.49 3.94
N HIS B 245 -12.51 0.68 3.30
CA HIS B 245 -12.85 -0.74 3.02
C HIS B 245 -11.66 -1.63 2.57
PA NAI C . 21.46 8.26 -19.07
O1A NAI C . 20.84 7.58 -20.20
O2A NAI C . 22.59 7.61 -18.45
O5B NAI C . 21.76 9.76 -19.45
C5B NAI C . 20.81 10.35 -20.53
C4B NAI C . 21.02 10.08 -22.02
O4B NAI C . 20.38 11.04 -22.91
C3B NAI C . 22.46 9.99 -22.54
O3B NAI C . 22.40 9.15 -23.70
C2B NAI C . 22.70 11.44 -23.04
O2B NAI C . 23.71 11.43 -24.04
C1B NAI C . 21.40 11.66 -23.73
N9A NAI C . 21.08 13.09 -24.07
C8A NAI C . 21.69 14.02 -23.27
N7A NAI C . 21.42 15.31 -23.62
C5A NAI C . 20.60 15.11 -24.66
C6A NAI C . 20.00 16.08 -25.42
N6A NAI C . 20.18 17.37 -25.19
N1A NAI C . 19.18 15.71 -26.47
C2A NAI C . 19.03 14.37 -26.67
N3A NAI C . 19.62 13.38 -25.94
C4A NAI C . 20.40 13.82 -24.92
O3 NAI C . 20.32 8.49 -17.97
PN NAI C . 19.13 7.49 -17.57
O1N NAI C . 19.61 6.62 -16.48
O2N NAI C . 18.59 6.86 -18.83
O5D NAI C . 18.11 8.46 -16.95
C5D NAI C . 17.36 9.38 -17.86
C4D NAI C . 16.56 10.43 -17.17
O4D NAI C . 15.24 9.93 -16.92
C3D NAI C . 17.08 10.88 -15.79
O3D NAI C . 16.68 12.21 -15.46
C2D NAI C . 16.42 9.78 -14.87
O2D NAI C . 16.40 10.13 -13.51
C1D NAI C . 15.01 9.76 -15.50
N1N NAI C . 14.20 8.53 -15.38
C2N NAI C . 12.83 8.71 -15.21
C3N NAI C . 11.96 7.59 -15.14
C7N NAI C . 10.55 7.75 -15.04
O7N NAI C . 9.84 6.78 -14.91
N7N NAI C . 10.09 9.00 -15.14
C4N NAI C . 12.55 6.27 -15.22
C5N NAI C . 13.96 6.09 -15.37
C6N NAI C . 14.78 7.24 -15.45
N1 PDC D . 15.09 8.14 -11.26
C2 PDC D . 13.78 8.25 -10.71
C3 PDC D . 12.90 7.15 -10.78
C4 PDC D . 13.32 5.95 -11.38
C5 PDC D . 14.63 5.82 -11.90
C6 PDC D . 15.52 6.93 -11.86
C7 PDC D . 13.45 9.43 -10.14
O1 PDC D . 12.19 9.62 -9.66
O2 PDC D . 14.36 10.42 -10.05
C8 PDC D . 16.80 6.89 -12.38
O3 PDC D . 17.29 5.74 -12.94
O4 PDC D . 17.58 8.01 -12.35
PA NAI E . -3.29 -16.87 24.45
O1A NAI E . -2.04 -16.29 24.97
O2A NAI E . -3.46 -18.33 24.47
O5B NAI E . -4.53 -16.10 25.07
C5B NAI E . -5.77 -16.90 25.37
C4B NAI E . -6.12 -16.81 26.79
O4B NAI E . -7.51 -16.80 27.16
C3B NAI E . -5.43 -17.80 27.69
O3B NAI E . -5.22 -17.06 28.90
C2B NAI E . -6.57 -18.82 27.89
O2B NAI E . -6.33 -19.44 29.14
C1B NAI E . -7.70 -17.87 28.09
N9A NAI E . -9.10 -18.41 28.02
C8A NAI E . -9.22 -19.63 27.42
N7A NAI E . -10.48 -20.12 27.44
C5A NAI E . -11.12 -19.13 28.06
C6A NAI E . -12.47 -19.10 28.36
N6A NAI E . -13.31 -20.13 28.07
N1A NAI E . -12.98 -17.97 29.00
C2A NAI E . -12.10 -16.96 29.27
N3A NAI E . -10.77 -16.98 29.00
C4A NAI E . -10.32 -18.11 28.37
O3 NAI E . -3.48 -16.35 22.94
PN NAI E . -3.21 -14.92 22.31
O1N NAI E . -1.86 -14.93 21.67
O2N NAI E . -3.51 -13.88 23.33
O5D NAI E . -4.25 -14.89 21.17
C5D NAI E . -5.69 -14.97 21.51
C4D NAI E . -6.65 -15.17 20.34
O4D NAI E . -6.82 -13.94 19.59
C3D NAI E . -6.23 -16.19 19.29
O3D NAI E . -7.35 -16.75 18.65
C2D NAI E . -5.36 -15.29 18.33
O2D NAI E . -5.20 -15.88 17.07
C1D NAI E . -6.26 -14.08 18.26
N1N NAI E . -5.64 -12.78 17.97
C2N NAI E . -6.39 -11.91 17.17
C3N NAI E . -5.91 -10.61 16.87
C7N NAI E . -6.66 -9.71 16.09
O7N NAI E . -6.22 -8.62 15.83
N7N NAI E . -7.86 -10.11 15.67
C4N NAI E . -4.63 -10.25 17.42
C5N NAI E . -3.87 -11.14 18.24
C6N NAI E . -4.38 -12.41 18.51
N1 PDC F . -3.17 -14.02 14.65
C2 PDC F . -3.66 -13.28 13.52
C3 PDC F . -3.30 -11.91 13.39
C4 PDC F . -2.47 -11.29 14.35
C5 PDC F . -1.97 -12.03 15.46
C6 PDC F . -2.32 -13.40 15.62
C7 PDC F . -4.46 -13.95 12.58
O1 PDC F . -4.74 -15.27 12.75
O2 PDC F . -4.93 -13.30 11.47
C8 PDC F . -1.89 -14.18 16.69
O3 PDC F . -2.32 -15.45 16.83
O4 PDC F . -1.03 -13.65 17.60
O1 PG4 G . 10.60 -2.47 7.79
C1 PG4 G . 10.06 -3.36 8.77
C2 PG4 G . 10.19 -2.61 10.13
O2 PG4 G . 10.24 -3.55 11.29
C3 PG4 G . 10.16 -4.94 10.92
C4 PG4 G . 10.72 -5.73 12.11
O3 PG4 G . 10.31 -7.09 11.84
C5 PG4 G . 11.41 -7.95 12.07
C6 PG4 G . 11.08 -9.21 11.26
O4 PG4 G . 12.06 -9.20 10.21
C7 PG4 G . 11.59 -9.99 9.11
C8 PG4 G . 12.43 -9.51 7.90
O5 PG4 G . 11.97 -10.29 6.79
#